data_2NNR
#
_entry.id   2NNR
#
_cell.length_a   49.546
_cell.length_b   49.546
_cell.length_c   187.576
_cell.angle_alpha   90.00
_cell.angle_beta   90.00
_cell.angle_gamma   120.00
#
_symmetry.space_group_name_H-M   'P 31 1 2'
#
loop_
_entity.id
_entity.type
_entity.pdbx_description
1 polymer Chagasin
2 non-polymer 'SULFATE ION'
3 non-polymer GLYCEROL
4 non-polymer 'CHLORIDE ION'
5 water water
#
_entity_poly.entity_id   1
_entity_poly.type   'polypeptide(L)'
_entity_poly.pdbx_seq_one_letter_code
;MSHKVTKAHNGATLTVAVGELVEIQLPSNPTTGFAWYFEGGTKESPNESMFTVENKYFPPDSKLLGAGGTEHFHVTVKAA
GTHAVNLTYMRPWTGPSHDSERFTVYLKAN
;
_entity_poly.pdbx_strand_id   A,B
#
loop_
_chem_comp.id
_chem_comp.type
_chem_comp.name
_chem_comp.formula
CL non-polymer 'CHLORIDE ION' 'Cl -1'
GOL non-polymer GLYCEROL 'C3 H8 O3'
SO4 non-polymer 'SULFATE ION' 'O4 S -2'
#
# COMPACT_ATOMS: atom_id res chain seq x y z
N MET A 1 -20.51 5.97 -14.12
CA MET A 1 -19.75 4.72 -14.42
C MET A 1 -18.26 4.85 -14.06
N SER A 2 -17.86 6.04 -13.61
CA SER A 2 -16.56 6.19 -12.97
C SER A 2 -16.54 5.33 -11.70
N HIS A 3 -15.42 4.63 -11.47
CA HIS A 3 -15.26 3.86 -10.23
C HIS A 3 -15.33 4.84 -9.06
N LYS A 4 -16.16 4.54 -8.07
CA LYS A 4 -16.24 5.38 -6.88
C LYS A 4 -15.71 4.58 -5.70
N VAL A 5 -14.59 5.05 -5.16
CA VAL A 5 -13.94 4.36 -4.05
C VAL A 5 -14.06 5.20 -2.78
N THR A 6 -14.25 4.52 -1.66
CA THR A 6 -14.40 5.17 -0.36
C THR A 6 -13.41 4.58 0.63
N LYS A 7 -13.49 5.02 1.87
CA LYS A 7 -12.54 4.54 2.88
C LYS A 7 -12.57 3.02 3.02
N ALA A 8 -13.73 2.40 2.78
CA ALA A 8 -13.82 0.94 2.85
C ALA A 8 -12.87 0.23 1.89
N HIS A 9 -12.43 0.92 0.85
CA HIS A 9 -11.58 0.32 -0.16
C HIS A 9 -10.09 0.53 0.08
N ASN A 10 -9.74 1.00 1.27
CA ASN A 10 -8.35 1.13 1.68
C ASN A 10 -7.63 -0.16 1.33
N GLY A 11 -6.56 -0.05 0.55
CA GLY A 11 -5.76 -1.22 0.16
C GLY A 11 -6.21 -1.92 -1.11
N ALA A 12 -7.34 -1.51 -1.66
CA ALA A 12 -7.85 -2.18 -2.89
C ALA A 12 -6.96 -1.90 -4.11
N THR A 13 -6.91 -2.85 -5.05
CA THR A 13 -6.35 -2.59 -6.38
C THR A 13 -7.49 -2.58 -7.40
N LEU A 14 -7.61 -1.48 -8.14
CA LEU A 14 -8.65 -1.30 -9.14
C LEU A 14 -8.01 -1.37 -10.52
N THR A 15 -8.57 -2.20 -11.40
CA THR A 15 -8.11 -2.21 -12.77
C THR A 15 -8.83 -1.12 -13.54
N VAL A 16 -8.05 -0.29 -14.22
CA VAL A 16 -8.50 0.96 -14.80
C VAL A 16 -7.86 1.11 -16.18
N ALA A 17 -8.49 1.86 -17.07
CA ALA A 17 -7.88 2.16 -18.36
C ALA A 17 -7.03 3.42 -18.26
N VAL A 18 -5.95 3.52 -19.03
CA VAL A 18 -5.26 4.80 -19.14
C VAL A 18 -6.26 5.84 -19.70
N GLY A 19 -6.33 7.00 -19.07
CA GLY A 19 -7.30 8.05 -19.43
C GLY A 19 -8.60 7.99 -18.65
N GLU A 20 -8.82 6.89 -17.93
CA GLU A 20 -10.06 6.70 -17.13
C GLU A 20 -10.01 7.42 -15.78
N LEU A 21 -11.12 8.10 -15.44
CA LEU A 21 -11.23 8.83 -14.19
C LEU A 21 -11.75 7.93 -13.06
N VAL A 22 -11.10 8.01 -11.91
CA VAL A 22 -11.50 7.28 -10.68
C VAL A 22 -11.86 8.33 -9.64
N GLU A 23 -12.99 8.16 -8.95
CA GLU A 23 -13.42 9.11 -7.91
C GLU A 23 -13.23 8.55 -6.50
N ILE A 24 -12.34 9.15 -5.70
CA ILE A 24 -12.15 8.71 -4.33
C ILE A 24 -12.91 9.66 -3.45
N GLN A 25 -13.74 9.12 -2.57
CA GLN A 25 -14.57 9.97 -1.66
C GLN A 25 -14.22 9.64 -0.23
N LEU A 26 -13.67 10.62 0.52
CA LEU A 26 -13.24 10.34 1.89
C LEU A 26 -13.88 11.30 2.89
N PRO A 27 -14.29 10.80 4.06
CA PRO A 27 -14.87 11.70 5.07
C PRO A 27 -13.82 12.71 5.50
N SER A 28 -14.21 13.98 5.69
CA SER A 28 -13.24 15.01 5.97
C SER A 28 -13.96 16.16 6.65
N ASN A 29 -13.34 16.71 7.67
CA ASN A 29 -14.02 17.73 8.48
C ASN A 29 -13.11 18.95 8.63
N PRO A 30 -13.32 19.95 7.77
CA PRO A 30 -12.42 21.09 7.76
C PRO A 30 -12.49 21.92 9.05
N THR A 31 -13.51 21.68 9.87
CA THR A 31 -13.61 22.48 11.12
C THR A 31 -12.52 22.05 12.12
N THR A 32 -11.82 20.96 11.81
CA THR A 32 -10.69 20.46 12.62
C THR A 32 -9.35 21.00 12.13
N GLY A 33 -9.31 21.60 10.93
CA GLY A 33 -8.03 21.99 10.30
C GLY A 33 -7.32 20.83 9.61
N PHE A 34 -7.82 19.59 9.81
CA PHE A 34 -7.29 18.42 9.08
C PHE A 34 -7.92 18.40 7.70
N ALA A 35 -7.18 17.84 6.75
CA ALA A 35 -7.69 17.47 5.45
C ALA A 35 -6.83 16.35 4.89
N TRP A 36 -7.26 15.81 3.76
CA TRP A 36 -6.48 14.76 3.13
C TRP A 36 -5.45 15.32 2.14
N TYR A 37 -4.21 14.85 2.26
CA TYR A 37 -3.15 15.31 1.43
C TYR A 37 -2.35 14.13 0.97
N PHE A 38 -1.66 14.32 -0.13
CA PHE A 38 -0.76 13.29 -0.54
C PHE A 38 0.25 13.18 0.57
N GLU A 39 0.53 11.92 0.92
CA GLU A 39 1.54 11.58 1.92
C GLU A 39 2.66 12.61 2.06
N GLY A 40 3.04 13.28 0.97
N GLY A 40 3.12 13.16 0.94
CA GLY A 40 4.01 14.39 1.00
CA GLY A 40 4.33 13.94 0.93
C GLY A 40 3.58 15.72 1.63
C GLY A 40 4.16 15.42 0.81
N GLY A 41 2.27 15.90 1.83
N GLY A 41 3.05 15.92 1.34
CA GLY A 41 1.79 17.15 2.46
CA GLY A 41 2.87 17.35 1.55
C GLY A 41 1.12 18.24 1.63
C GLY A 41 2.19 18.11 0.43
N THR A 42 0.87 17.97 0.33
CA THR A 42 0.10 18.81 -0.60
C THR A 42 -1.08 18.07 -1.31
N LYS A 43 -1.95 18.81 -2.01
CA LYS A 43 -3.07 18.20 -2.79
C LYS A 43 -2.68 17.70 -4.18
N GLU A 44 -1.44 17.99 -4.58
CA GLU A 44 -1.00 17.69 -5.95
C GLU A 44 -0.48 16.26 -6.14
N SER A 45 -0.74 15.73 -7.35
CA SER A 45 -0.18 14.46 -7.76
C SER A 45 1.33 14.50 -7.63
N PRO A 46 1.94 13.41 -7.13
CA PRO A 46 3.40 13.35 -7.09
C PRO A 46 4.04 13.42 -8.48
N ASN A 47 3.30 13.01 -9.51
CA ASN A 47 3.81 13.01 -10.88
C ASN A 47 2.69 12.93 -11.92
N GLU A 48 2.51 14.00 -12.68
CA GLU A 48 1.30 14.14 -13.52
C GLU A 48 1.30 13.28 -14.77
N SER A 49 2.47 12.81 -15.19
CA SER A 49 2.57 11.89 -16.30
C SER A 49 2.18 10.47 -15.90
N MET A 50 2.04 10.25 -14.58
CA MET A 50 1.61 8.97 -14.05
C MET A 50 0.10 9.01 -13.81
N PHE A 51 -0.35 10.00 -13.05
CA PHE A 51 -1.78 10.29 -12.88
C PHE A 51 -1.99 11.76 -12.57
N THR A 52 -3.11 12.32 -13.02
CA THR A 52 -3.48 13.68 -12.61
C THR A 52 -4.53 13.62 -11.50
N VAL A 53 -4.68 14.73 -10.78
CA VAL A 53 -5.61 14.77 -9.68
C VAL A 53 -6.27 16.15 -9.63
N GLU A 54 -7.57 16.14 -9.37
CA GLU A 54 -8.30 17.32 -8.97
C GLU A 54 -9.05 16.96 -7.72
N ASN A 55 -9.35 17.96 -6.90
CA ASN A 55 -9.94 17.70 -5.60
C ASN A 55 -11.00 18.76 -5.35
N LYS A 56 -12.03 18.38 -4.61
CA LYS A 56 -13.09 19.28 -4.19
C LYS A 56 -13.70 18.80 -2.89
N TYR A 57 -14.02 19.75 -2.02
CA TYR A 57 -14.69 19.44 -0.76
C TYR A 57 -16.18 19.72 -0.91
N PHE A 58 -16.99 18.80 -0.36
CA PHE A 58 -18.42 18.94 -0.32
C PHE A 58 -18.88 18.96 1.11
N PRO A 59 -19.53 20.05 1.54
CA PRO A 59 -19.99 20.05 2.92
C PRO A 59 -21.14 19.06 3.14
N PRO A 60 -21.47 18.75 4.41
CA PRO A 60 -22.58 17.82 4.65
C PRO A 60 -23.94 18.44 4.23
N ASP A 61 -24.86 17.63 3.68
CA ASP A 61 -26.15 18.14 3.22
C ASP A 61 -26.96 18.74 4.37
N SER A 62 -26.58 18.42 5.60
CA SER A 62 -27.37 18.84 6.76
C SER A 62 -27.07 20.30 7.12
N LYS A 63 -25.94 20.80 6.62
CA LYS A 63 -25.49 22.18 6.89
C LYS A 63 -25.26 22.40 8.40
N LEU A 64 -25.12 21.31 9.16
CA LEU A 64 -25.02 21.45 10.60
C LEU A 64 -23.58 21.81 10.94
N LEU A 65 -23.44 22.76 11.86
CA LEU A 65 -22.11 23.24 12.25
C LEU A 65 -21.30 22.16 12.90
N GLY A 66 -20.03 22.09 12.51
CA GLY A 66 -19.14 21.10 13.09
C GLY A 66 -19.25 19.70 12.47
N ALA A 67 -20.18 19.51 11.54
CA ALA A 67 -20.41 18.19 10.95
C ALA A 67 -19.46 17.96 9.77
N GLY A 68 -18.93 16.75 9.68
CA GLY A 68 -17.97 16.42 8.60
C GLY A 68 -18.63 16.36 7.21
N GLY A 69 -17.84 16.68 6.19
CA GLY A 69 -18.28 16.54 4.82
C GLY A 69 -17.45 15.45 4.16
N THR A 70 -17.18 15.61 2.88
CA THR A 70 -16.49 14.59 2.12
C THR A 70 -15.58 15.27 1.15
N GLU A 71 -14.31 14.86 1.08
CA GLU A 71 -13.47 15.30 -0.01
C GLU A 71 -13.57 14.31 -1.17
N HIS A 72 -13.63 14.83 -2.40
CA HIS A 72 -13.57 14.01 -3.63
C HIS A 72 -12.27 14.29 -4.38
N PHE A 73 -11.53 13.22 -4.65
CA PHE A 73 -10.33 13.31 -5.45
C PHE A 73 -10.63 12.60 -6.77
N HIS A 74 -10.48 13.33 -7.89
CA HIS A 74 -10.69 12.74 -9.19
C HIS A 74 -9.33 12.42 -9.79
N VAL A 75 -9.05 11.13 -9.88
CA VAL A 75 -7.72 10.69 -10.30
C VAL A 75 -7.84 10.05 -11.67
N THR A 76 -6.98 10.50 -12.58
CA THR A 76 -6.94 9.98 -13.95
C THR A 76 -5.53 9.45 -14.21
N VAL A 77 -5.41 8.14 -14.38
CA VAL A 77 -4.15 7.48 -14.71
C VAL A 77 -3.77 7.80 -16.15
N LYS A 78 -2.49 8.14 -16.35
CA LYS A 78 -1.99 8.64 -17.65
C LYS A 78 -0.97 7.72 -18.32
N ALA A 79 -0.50 6.72 -17.56
CA ALA A 79 0.52 5.78 -18.02
C ALA A 79 0.22 4.39 -17.47
N ALA A 80 0.47 3.35 -18.27
CA ALA A 80 0.30 1.96 -17.84
C ALA A 80 1.17 1.67 -16.61
N GLY A 81 0.69 0.80 -15.73
CA GLY A 81 1.44 0.40 -14.54
C GLY A 81 0.49 0.34 -13.37
N THR A 82 1.03 0.11 -12.17
CA THR A 82 0.20 0.10 -10.95
C THR A 82 0.61 1.25 -10.07
N HIS A 83 -0.32 2.18 -9.88
CA HIS A 83 -0.04 3.44 -9.23
C HIS A 83 -0.60 3.46 -7.84
N ALA A 84 0.27 3.69 -6.85
CA ALA A 84 -0.21 3.87 -5.47
C ALA A 84 -0.66 5.30 -5.28
N VAL A 85 -1.92 5.44 -4.85
CA VAL A 85 -2.46 6.73 -4.43
C VAL A 85 -2.46 6.70 -2.91
N ASN A 86 -1.55 7.46 -2.28
CA ASN A 86 -1.36 7.38 -0.85
C ASN A 86 -1.74 8.72 -0.24
N LEU A 87 -2.79 8.72 0.58
CA LEU A 87 -3.25 9.98 1.18
C LEU A 87 -3.20 9.90 2.70
N THR A 88 -3.07 11.06 3.36
CA THR A 88 -2.93 11.05 4.82
C THR A 88 -3.76 12.20 5.32
N TYR A 89 -4.52 11.95 6.38
CA TYR A 89 -5.38 13.00 6.96
C TYR A 89 -4.57 13.75 7.99
N MET A 90 -4.25 15.03 7.65
CA MET A 90 -3.34 15.77 8.52
C MET A 90 -3.70 17.25 8.57
N ARG A 91 -3.12 17.89 9.64
CA ARG A 91 -3.07 19.36 9.62
C ARG A 91 -1.78 19.70 8.88
N PRO A 92 -1.86 20.49 7.80
CA PRO A 92 -0.68 20.67 6.96
C PRO A 92 0.55 21.37 7.65
N TRP A 93 0.30 22.12 8.72
CA TRP A 93 1.41 22.78 9.48
C TRP A 93 2.01 21.84 10.52
N THR A 94 1.43 20.65 10.70
CA THR A 94 2.01 19.61 11.59
C THR A 94 2.61 18.42 10.85
N GLY A 95 1.96 18.04 9.78
CA GLY A 95 2.40 16.87 9.03
C GLY A 95 2.02 15.53 9.65
N PRO A 96 2.55 14.44 9.08
CA PRO A 96 2.11 13.10 9.50
C PRO A 96 2.86 12.60 10.73
N SER A 97 2.25 11.64 11.39
CA SER A 97 2.91 10.94 12.47
C SER A 97 2.31 9.54 12.60
N HIS A 98 2.76 8.80 13.62
CA HIS A 98 2.39 7.41 13.78
C HIS A 98 0.87 7.26 13.77
N ASP A 99 0.20 8.18 14.46
CA ASP A 99 -1.26 8.05 14.62
C ASP A 99 -2.08 8.74 13.52
N SER A 100 -1.42 9.22 12.45
CA SER A 100 -2.20 9.79 11.33
C SER A 100 -2.96 8.71 10.58
N GLU A 101 -4.20 9.05 10.21
CA GLU A 101 -5.00 8.17 9.40
C GLU A 101 -4.51 8.23 7.97
N ARG A 102 -4.33 7.04 7.38
CA ARG A 102 -3.85 6.91 6.01
C ARG A 102 -4.87 6.17 5.15
N PHE A 103 -4.85 6.47 3.86
CA PHE A 103 -5.65 5.73 2.89
C PHE A 103 -4.80 5.45 1.67
N THR A 104 -4.89 4.22 1.13
CA THR A 104 -4.17 3.86 -0.08
C THR A 104 -5.10 3.12 -1.03
N VAL A 105 -5.07 3.52 -2.30
CA VAL A 105 -5.65 2.66 -3.32
C VAL A 105 -4.60 2.48 -4.44
N TYR A 106 -4.57 1.30 -5.03
CA TYR A 106 -3.71 1.02 -6.17
C TYR A 106 -4.48 1.05 -7.47
N LEU A 107 -4.01 1.82 -8.44
CA LEU A 107 -4.69 1.87 -9.72
C LEU A 107 -3.83 1.18 -10.78
N LYS A 108 -4.34 0.06 -11.31
CA LYS A 108 -3.56 -0.78 -12.26
C LYS A 108 -4.10 -0.56 -13.67
N ALA A 109 -3.28 0.07 -14.52
CA ALA A 109 -3.64 0.30 -15.92
C ALA A 109 -2.75 -0.50 -16.86
N ASN A 110 -3.33 -0.96 -17.97
CA ASN A 110 -2.65 -1.78 -18.98
C ASN A 110 -2.15 -0.99 -20.19
N MET B 1 0.83 -25.93 13.37
CA MET B 1 1.37 -26.15 11.99
C MET B 1 1.97 -24.86 11.44
N SER B 2 2.84 -24.98 10.43
CA SER B 2 3.34 -23.82 9.70
C SER B 2 2.90 -23.88 8.24
N HIS B 3 3.06 -22.79 7.49
CA HIS B 3 2.50 -22.68 6.14
C HIS B 3 3.55 -22.12 5.18
N LYS B 4 3.50 -22.51 3.92
CA LYS B 4 4.56 -22.17 2.96
C LYS B 4 4.01 -21.56 1.67
N VAL B 5 4.46 -20.36 1.32
CA VAL B 5 3.95 -19.67 0.14
C VAL B 5 5.07 -19.10 -0.70
N THR B 6 4.81 -19.02 -2.00
CA THR B 6 5.76 -18.55 -3.00
C THR B 6 5.07 -17.50 -3.86
N LYS B 7 5.78 -16.99 -4.87
CA LYS B 7 5.20 -15.98 -5.75
C LYS B 7 3.93 -16.47 -6.46
N ALA B 8 3.85 -17.78 -6.69
CA ALA B 8 2.66 -18.42 -7.26
C ALA B 8 1.38 -18.14 -6.47
N HIS B 9 1.54 -17.86 -5.18
CA HIS B 9 0.42 -17.61 -4.28
C HIS B 9 0.02 -16.13 -4.20
N ASN B 10 0.54 -15.29 -5.07
CA ASN B 10 0.26 -13.84 -4.98
C ASN B 10 -1.25 -13.61 -4.99
N GLY B 11 -1.75 -12.90 -3.98
CA GLY B 11 -3.15 -12.58 -3.87
C GLY B 11 -3.97 -13.62 -3.11
N ALA B 12 -3.36 -14.76 -2.82
CA ALA B 12 -4.07 -15.87 -2.12
C ALA B 12 -4.38 -15.52 -0.68
N THR B 13 -5.40 -16.17 -0.11
CA THR B 13 -5.67 -16.09 1.33
C THR B 13 -5.34 -17.41 1.99
N LEU B 14 -4.57 -17.31 3.07
CA LEU B 14 -4.25 -18.47 3.87
C LEU B 14 -5.06 -18.33 5.16
N THR B 15 -5.65 -19.42 5.57
CA THR B 15 -6.38 -19.46 6.82
C THR B 15 -5.40 -19.98 7.86
N VAL B 16 -5.17 -19.18 8.93
CA VAL B 16 -4.15 -19.51 9.88
C VAL B 16 -4.65 -19.24 11.28
N ALA B 17 -3.93 -19.79 12.26
CA ALA B 17 -4.22 -19.52 13.65
C ALA B 17 -3.29 -18.42 14.13
N VAL B 18 -3.78 -17.61 15.06
CA VAL B 18 -2.90 -16.65 15.73
C VAL B 18 -1.76 -17.43 16.34
N GLY B 19 -0.54 -16.91 16.18
CA GLY B 19 0.64 -17.55 16.69
C GLY B 19 1.33 -18.45 15.70
N GLU B 20 0.66 -18.72 14.58
CA GLU B 20 1.23 -19.59 13.57
C GLU B 20 2.23 -18.90 12.66
N LEU B 21 3.23 -19.64 12.21
CA LEU B 21 4.25 -19.10 11.31
C LEU B 21 3.91 -19.39 9.86
N VAL B 22 4.00 -18.36 9.03
CA VAL B 22 3.82 -18.47 7.59
C VAL B 22 5.17 -18.15 6.94
N GLU B 23 5.69 -19.08 6.15
CA GLU B 23 6.93 -18.86 5.38
C GLU B 23 6.65 -18.39 3.96
N ILE B 24 7.16 -17.22 3.62
CA ILE B 24 7.05 -16.68 2.26
C ILE B 24 8.42 -16.75 1.61
N GLN B 25 8.50 -17.40 0.45
CA GLN B 25 9.79 -17.46 -0.30
C GLN B 25 9.65 -16.72 -1.62
N LEU B 26 10.48 -15.72 -1.85
CA LEU B 26 10.45 -14.94 -3.08
C LEU B 26 11.80 -14.87 -3.74
N PRO B 27 11.83 -14.98 -5.07
CA PRO B 27 13.13 -14.86 -5.74
C PRO B 27 13.66 -13.43 -5.56
N SER B 28 14.97 -13.27 -5.42
CA SER B 28 15.53 -11.97 -5.09
C SER B 28 16.99 -11.96 -5.47
N ASN B 29 17.44 -10.89 -6.13
CA ASN B 29 18.82 -10.88 -6.63
C ASN B 29 19.52 -9.67 -6.10
N PRO B 30 20.28 -9.81 -4.99
CA PRO B 30 20.90 -8.62 -4.40
C PRO B 30 21.91 -7.90 -5.29
N THR B 31 22.40 -8.58 -6.34
CA THR B 31 23.37 -7.93 -7.23
C THR B 31 22.70 -6.79 -8.02
N THR B 32 21.35 -6.79 -8.05
CA THR B 32 20.62 -5.71 -8.71
C THR B 32 20.46 -4.48 -7.83
N GLY B 33 20.72 -4.66 -6.54
CA GLY B 33 20.35 -3.65 -5.53
C GLY B 33 18.90 -3.65 -5.07
N PHE B 34 18.03 -4.38 -5.79
CA PHE B 34 16.63 -4.54 -5.39
C PHE B 34 16.57 -5.61 -4.32
N ALA B 35 15.59 -5.45 -3.44
CA ALA B 35 15.15 -6.54 -2.56
C ALA B 35 13.69 -6.33 -2.21
N TRP B 36 13.12 -7.24 -1.42
CA TRP B 36 11.71 -7.14 -1.06
C TRP B 36 11.56 -6.40 0.25
N TYR B 37 10.67 -5.43 0.28
CA TYR B 37 10.46 -4.61 1.48
C TYR B 37 9.00 -4.30 1.68
N PHE B 38 8.66 -4.07 2.95
CA PHE B 38 7.39 -3.42 3.34
C PHE B 38 7.52 -1.94 3.06
N GLU B 39 6.41 -1.20 3.04
CA GLU B 39 6.59 0.20 2.68
C GLU B 39 7.41 1.04 3.63
N GLY B 40 8.06 2.04 3.08
CA GLY B 40 9.05 2.78 3.83
C GLY B 40 10.38 2.07 3.72
N GLY B 41 10.40 0.91 3.03
CA GLY B 41 11.65 0.29 2.63
C GLY B 41 12.39 -0.44 3.73
N THR B 42 11.62 -1.17 4.55
CA THR B 42 12.08 -1.88 5.74
C THR B 42 11.62 -3.35 5.65
N LYS B 43 12.27 -4.24 6.39
CA LYS B 43 11.88 -5.66 6.41
C LYS B 43 10.93 -5.92 7.58
N GLU B 44 10.70 -4.87 8.38
CA GLU B 44 9.92 -4.98 9.62
C GLU B 44 8.43 -4.88 9.34
N SER B 45 7.62 -5.54 10.16
CA SER B 45 6.18 -5.44 10.06
C SER B 45 5.73 -3.99 10.18
N PRO B 46 4.76 -3.57 9.33
CA PRO B 46 4.14 -2.24 9.48
C PRO B 46 3.36 -2.13 10.80
N ASN B 47 2.88 -3.26 11.31
CA ASN B 47 2.14 -3.25 12.57
C ASN B 47 2.45 -4.49 13.39
N GLU B 48 3.34 -4.34 14.37
CA GLU B 48 3.80 -5.47 15.19
C GLU B 48 2.70 -6.09 16.04
N SER B 49 1.63 -5.33 16.30
CA SER B 49 0.51 -5.87 17.06
C SER B 49 -0.39 -6.76 16.21
N MET B 50 -0.27 -6.69 14.89
CA MET B 50 -1.02 -7.56 14.01
C MET B 50 -0.19 -8.77 13.61
N PHE B 51 1.06 -8.53 13.20
CA PHE B 51 1.99 -9.62 12.89
C PHE B 51 3.45 -9.19 12.99
N THR B 52 4.33 -10.15 13.25
CA THR B 52 5.77 -9.85 13.29
C THR B 52 6.49 -10.62 12.18
N VAL B 53 7.68 -10.12 11.81
CA VAL B 53 8.38 -10.61 10.63
C VAL B 53 9.86 -10.83 10.93
N GLU B 54 10.36 -11.99 10.53
CA GLU B 54 11.79 -12.23 10.40
C GLU B 54 12.12 -12.48 8.95
N ASN B 55 13.36 -12.20 8.54
CA ASN B 55 13.73 -12.46 7.16
C ASN B 55 15.16 -12.92 7.03
N LYS B 56 15.45 -13.64 5.97
CA LYS B 56 16.81 -14.07 5.67
C LYS B 56 16.93 -14.24 4.16
N TYR B 57 18.08 -13.87 3.60
CA TYR B 57 18.40 -14.12 2.20
C TYR B 57 19.24 -15.38 2.05
N PHE B 58 18.90 -16.21 1.07
CA PHE B 58 19.65 -17.44 0.80
C PHE B 58 20.26 -17.33 -0.59
N PRO B 59 21.59 -17.29 -0.67
CA PRO B 59 22.18 -17.21 -1.99
C PRO B 59 22.00 -18.51 -2.75
N PRO B 60 22.11 -18.46 -4.08
CA PRO B 60 21.89 -19.66 -4.87
C PRO B 60 23.00 -20.69 -4.61
N ASP B 61 22.62 -21.97 -4.57
CA ASP B 61 23.59 -23.03 -4.33
C ASP B 61 24.72 -23.06 -5.37
N SER B 62 24.43 -22.60 -6.59
CA SER B 62 25.43 -22.61 -7.68
C SER B 62 26.64 -21.71 -7.43
N LYS B 63 26.45 -20.72 -6.56
CA LYS B 63 27.47 -19.72 -6.24
C LYS B 63 27.87 -18.89 -7.46
N LEU B 64 27.07 -18.90 -8.51
CA LEU B 64 27.47 -18.17 -9.72
C LEU B 64 27.32 -16.66 -9.54
N LEU B 65 28.36 -15.94 -10.00
CA LEU B 65 28.30 -14.49 -9.93
C LEU B 65 27.13 -13.90 -10.68
N GLY B 66 26.42 -12.98 -10.01
CA GLY B 66 25.29 -12.28 -10.66
C GLY B 66 23.96 -13.03 -10.61
N ALA B 67 23.96 -14.25 -10.03
CA ALA B 67 22.78 -15.12 -10.03
C ALA B 67 21.91 -14.80 -8.85
N GLY B 68 20.59 -14.83 -9.07
CA GLY B 68 19.67 -14.51 -7.99
C GLY B 68 19.51 -15.65 -7.00
N GLY B 69 19.07 -15.30 -5.80
CA GLY B 69 18.76 -16.29 -4.78
C GLY B 69 17.32 -16.13 -4.33
N THR B 70 17.08 -16.34 -3.04
CA THR B 70 15.70 -16.33 -2.56
C THR B 70 15.64 -15.64 -1.20
N GLU B 71 14.69 -14.73 -1.03
CA GLU B 71 14.44 -14.21 0.30
C GLU B 71 13.33 -15.02 0.98
N HIS B 72 13.53 -15.31 2.25
CA HIS B 72 12.50 -15.97 3.05
C HIS B 72 12.03 -14.97 4.10
N PHE B 73 10.72 -14.77 4.19
CA PHE B 73 10.08 -14.01 5.26
C PHE B 73 9.30 -14.99 6.13
N HIS B 74 9.54 -14.94 7.43
CA HIS B 74 8.72 -15.70 8.37
C HIS B 74 7.82 -14.73 9.07
N VAL B 75 6.51 -14.86 8.81
CA VAL B 75 5.50 -13.98 9.38
C VAL B 75 4.73 -14.72 10.48
N THR B 76 4.66 -14.14 11.68
CA THR B 76 3.87 -14.76 12.74
C THR B 76 2.71 -13.85 13.08
N VAL B 77 1.48 -14.35 12.94
CA VAL B 77 0.32 -13.53 13.22
C VAL B 77 0.10 -13.40 14.72
N LYS B 78 -0.13 -12.17 15.16
CA LYS B 78 -0.27 -11.85 16.58
C LYS B 78 -1.70 -11.52 17.03
N ALA B 79 -2.58 -11.18 16.08
CA ALA B 79 -3.98 -10.91 16.40
C ALA B 79 -4.97 -11.44 15.36
N ALA B 80 -6.20 -11.71 15.80
CA ALA B 80 -7.26 -12.18 14.90
C ALA B 80 -7.59 -11.09 13.90
N GLY B 81 -8.01 -11.48 12.70
CA GLY B 81 -8.32 -10.53 11.64
C GLY B 81 -7.73 -11.07 10.36
N THR B 82 -8.04 -10.41 9.24
CA THR B 82 -7.47 -10.74 7.93
C THR B 82 -6.42 -9.71 7.56
N HIS B 83 -5.15 -10.13 7.61
CA HIS B 83 -4.03 -9.19 7.52
C HIS B 83 -3.35 -9.30 6.18
N ALA B 84 -3.18 -8.15 5.52
CA ALA B 84 -2.44 -8.06 4.26
C ALA B 84 -0.95 -7.90 4.49
N VAL B 85 -0.19 -8.79 3.86
CA VAL B 85 1.25 -8.74 3.88
C VAL B 85 1.61 -8.29 2.46
N ASN B 86 2.06 -7.03 2.35
CA ASN B 86 2.29 -6.37 1.06
C ASN B 86 3.78 -6.03 0.94
N LEU B 87 4.43 -6.65 -0.03
CA LEU B 87 5.86 -6.43 -0.27
C LEU B 87 6.07 -5.91 -1.68
N THR B 88 7.16 -5.18 -1.86
CA THR B 88 7.47 -4.57 -3.15
C THR B 88 8.92 -4.82 -3.38
N TYR B 89 9.25 -5.15 -4.63
CA TYR B 89 10.66 -5.39 -4.97
C TYR B 89 11.26 -4.08 -5.44
N MET B 90 12.17 -3.52 -4.66
CA MET B 90 12.64 -2.17 -4.92
C MET B 90 14.04 -1.94 -4.39
N ARG B 91 14.74 -0.97 -4.98
CA ARG B 91 15.97 -0.50 -4.37
C ARG B 91 15.55 0.48 -3.27
N PRO B 92 16.07 0.29 -2.05
CA PRO B 92 15.57 1.12 -0.95
C PRO B 92 15.86 2.63 -1.08
N TRP B 93 16.91 3.00 -1.80
CA TRP B 93 17.22 4.40 -2.07
C TRP B 93 16.33 5.04 -3.15
N THR B 94 15.54 4.23 -3.87
CA THR B 94 14.67 4.76 -4.92
C THR B 94 13.18 4.72 -4.53
N GLY B 95 12.79 3.66 -3.84
CA GLY B 95 11.40 3.48 -3.42
C GLY B 95 10.61 2.89 -4.57
N PRO B 96 9.29 2.73 -4.37
CA PRO B 96 8.35 2.09 -5.28
C PRO B 96 8.00 3.00 -6.45
N SER B 97 7.66 2.38 -7.58
CA SER B 97 7.10 3.16 -8.72
C SER B 97 6.07 2.31 -9.47
N HIS B 98 5.53 2.83 -10.57
CA HIS B 98 4.38 2.20 -11.25
C HIS B 98 4.78 0.88 -11.92
N ASP B 99 6.08 0.70 -12.12
CA ASP B 99 6.59 -0.57 -12.67
C ASP B 99 7.26 -1.50 -11.65
N SER B 100 7.09 -1.19 -10.37
CA SER B 100 7.57 -2.10 -9.30
C SER B 100 6.77 -3.41 -9.21
N GLU B 101 7.48 -4.52 -9.06
CA GLU B 101 6.84 -5.79 -8.77
C GLU B 101 6.33 -5.79 -7.33
N ARG B 102 5.09 -6.26 -7.17
CA ARG B 102 4.49 -6.34 -5.84
C ARG B 102 4.07 -7.75 -5.52
N PHE B 103 3.97 -8.07 -4.24
CA PHE B 103 3.51 -9.39 -3.79
C PHE B 103 2.60 -9.17 -2.60
N THR B 104 1.40 -9.77 -2.61
CA THR B 104 0.56 -9.76 -1.45
C THR B 104 0.07 -11.17 -1.12
N VAL B 105 0.06 -11.49 0.17
CA VAL B 105 -0.76 -12.60 0.65
C VAL B 105 -1.65 -12.11 1.80
N TYR B 106 -2.86 -12.68 1.94
CA TYR B 106 -3.73 -12.33 3.06
C TYR B 106 -3.71 -13.46 4.06
N LEU B 107 -3.54 -13.11 5.34
CA LEU B 107 -3.55 -14.11 6.41
C LEU B 107 -4.83 -13.89 7.20
N LYS B 108 -5.77 -14.81 7.04
CA LYS B 108 -7.06 -14.75 7.69
C LYS B 108 -6.89 -15.50 9.00
N ALA B 109 -6.79 -14.77 10.10
CA ALA B 109 -6.36 -15.37 11.37
C ALA B 109 -7.45 -15.40 12.41
N ASN B 110 -7.46 -16.47 13.20
CA ASN B 110 -8.39 -16.65 14.33
C ASN B 110 -7.76 -17.42 15.49
S SO4 C . -16.54 14.26 12.50
O1 SO4 C . -16.09 13.02 13.13
O2 SO4 C . -15.65 15.31 12.97
O3 SO4 C . -16.64 14.28 11.06
O4 SO4 C . -17.87 14.61 13.01
C1 GOL D . -20.48 15.53 16.34
O1 GOL D . -20.12 14.53 15.41
C2 GOL D . -21.99 15.79 16.35
O2 GOL D . -22.61 14.66 16.94
C3 GOL D . -22.36 15.76 14.87
O3 GOL D . -21.27 16.29 14.14
C1 GOL E . -13.22 12.09 9.23
O1 GOL E . -13.64 12.96 10.25
C2 GOL E . -11.81 11.72 9.65
O2 GOL E . -11.74 11.09 10.92
C3 GOL E . -10.97 11.17 8.50
O3 GOL E . -11.73 10.31 7.69
C1 GOL F . -0.26 20.28 16.83
O1 GOL F . -0.31 18.98 17.39
C2 GOL F . -1.57 20.55 16.09
O2 GOL F . -1.57 19.77 14.94
C3 GOL F . -1.49 22.06 15.86
O3 GOL F . -2.49 22.62 15.08
C1 GOL G . 1.93 25.87 15.87
O1 GOL G . 1.39 24.98 14.92
C2 GOL G . 2.30 25.14 17.14
O2 GOL G . 1.70 25.87 18.18
C3 GOL G . 1.81 23.70 17.08
O3 GOL G . 0.41 23.70 16.92
C1 GOL H . 5.86 10.18 15.00
O1 GOL H . 5.96 9.25 13.96
C2 GOL H . 5.02 9.61 16.14
O2 GOL H . 5.72 8.57 16.80
C3 GOL H . 4.67 10.70 17.16
O3 GOL H . 5.57 11.78 17.08
C1 GOL I . -11.69 22.86 -2.11
O1 GOL I . -12.95 22.47 -2.62
C2 GOL I . -11.58 22.34 -0.69
O2 GOL I . -10.51 21.41 -0.54
C3 GOL I . -11.41 23.53 0.26
O3 GOL I . -12.63 23.72 0.94
CL CL J . 21.51 -22.52 -7.42
C1 GOL K . 19.10 -0.09 -14.25
O1 GOL K . 19.97 -0.37 -13.19
C2 GOL K . 18.62 1.34 -14.18
O2 GOL K . 19.61 2.13 -14.80
C3 GOL K . 18.48 1.72 -12.71
O3 GOL K . 18.05 3.05 -12.55
#